data_3ROP
#
_entry.id   3ROP
#
_cell.length_a   41.817
_cell.length_b   53.630
_cell.length_c   63.540
_cell.angle_alpha   109.72
_cell.angle_beta   91.19
_cell.angle_gamma   94.81
#
_symmetry.space_group_name_H-M   'P 1'
#
loop_
_entity.id
_entity.type
_entity.pdbx_description
1 polymer 'ADP-ribosyl cyclase 1'
2 non-polymer 2-deoxy-2-fluoro-5-O-phosphono-alpha-D-ribofuranose
3 non-polymer NICOTINAMIDE
4 water water
#
_entity_poly.entity_id   1
_entity_poly.type   'polypeptide(L)'
_entity_poly.pdbx_seq_one_letter_code
;EFRWRQTWSGPGTTKRFPETVLARCVKYTEIHPEMRHVDCQSVWDAFKGAFISKHPCDITEEDYQPLMKLGTQTVPCNKI
LLWSRIKDLAHQFTQVQRDMFTLEDTLLGYLADDLTWCGEFDTSKINYQSCPDWRKDCSNNPVSVFWKTVSRRFAEAACD
VVHVMLDGSRSKIFDKDSTFGSVEVHNLQPEKVQTLEAWVIHGGREDSRDLCQDPTIKELESIISKRNIQFSCKNIYRPD
KFLQCVKNPEDSSC
;
_entity_poly.pdbx_strand_id   A,B
#
# COMPACT_ATOMS: atom_id res chain seq x y z
N ARG A 3 -2.57 0.02 -38.80
CA ARG A 3 -3.68 -0.90 -39.17
C ARG A 3 -5.02 -0.17 -39.04
N TRP A 4 -6.09 -0.84 -39.44
CA TRP A 4 -7.45 -0.34 -39.28
C TRP A 4 -8.02 -0.60 -37.89
N ARG A 5 -7.26 -1.29 -37.03
CA ARG A 5 -7.73 -1.71 -35.73
C ARG A 5 -6.67 -1.46 -34.67
N GLN A 6 -7.06 -0.79 -33.59
CA GLN A 6 -6.17 -0.46 -32.48
C GLN A 6 -6.32 -1.50 -31.37
N THR A 7 -5.22 -1.78 -30.67
CA THR A 7 -5.22 -2.80 -29.63
C THR A 7 -6.06 -2.35 -28.44
N TRP A 8 -5.98 -1.06 -28.12
CA TRP A 8 -6.58 -0.53 -26.90
C TRP A 8 -7.65 0.53 -27.18
N SER A 9 -8.39 0.88 -26.13
CA SER A 9 -9.52 1.81 -26.24
C SER A 9 -9.17 3.26 -25.90
N GLY A 10 -8.07 3.48 -25.19
CA GLY A 10 -7.67 4.82 -24.82
C GLY A 10 -6.78 5.46 -25.88
N PRO A 11 -6.65 6.79 -25.84
CA PRO A 11 -5.70 7.46 -26.73
C PRO A 11 -4.28 6.94 -26.54
N GLY A 12 -3.50 6.93 -27.61
CA GLY A 12 -2.14 6.42 -27.59
C GLY A 12 -1.16 7.43 -27.03
N THR A 13 0.11 7.05 -27.02
CA THR A 13 1.16 7.90 -26.48
C THR A 13 1.14 9.26 -27.17
N THR A 14 1.42 10.30 -26.40
CA THR A 14 1.51 11.66 -26.92
C THR A 14 2.69 11.73 -27.88
N LYS A 15 2.51 12.46 -28.99
CA LYS A 15 3.55 12.55 -29.99
C LYS A 15 4.81 13.22 -29.40
N ARG A 16 5.97 12.76 -29.85
CA ARG A 16 7.27 13.26 -29.35
C ARG A 16 7.41 13.14 -27.83
N PHE A 17 6.81 12.09 -27.27
CA PHE A 17 6.78 11.90 -25.83
C PHE A 17 8.18 11.94 -25.20
N PRO A 18 9.14 11.20 -25.76
CA PRO A 18 10.49 11.22 -25.19
C PRO A 18 11.09 12.63 -25.14
N GLU A 19 10.98 13.36 -26.25
CA GLU A 19 11.51 14.71 -26.33
C GLU A 19 10.81 15.69 -25.39
N THR A 20 9.51 15.48 -25.19
CA THR A 20 8.70 16.38 -24.33
C THR A 20 9.03 16.19 -22.86
N VAL A 21 9.13 14.94 -22.42
CA VAL A 21 9.49 14.66 -21.03
C VAL A 21 10.89 15.22 -20.75
N LEU A 22 11.82 14.98 -21.68
CA LEU A 22 13.18 15.48 -21.53
C LEU A 22 13.18 17.03 -21.44
N ALA A 23 12.45 17.69 -22.34
CA ALA A 23 12.46 19.15 -22.38
C ALA A 23 11.82 19.78 -21.14
N ARG A 24 10.76 19.15 -20.65
CA ARG A 24 10.08 19.57 -19.42
C ARG A 24 10.98 19.41 -18.20
N CYS A 25 11.76 18.34 -18.17
CA CYS A 25 12.72 18.10 -17.11
C CYS A 25 13.83 19.14 -17.13
N VAL A 26 14.32 19.46 -18.33
CA VAL A 26 15.31 20.52 -18.48
C VAL A 26 14.77 21.85 -17.97
N LYS A 27 13.59 22.23 -18.43
CA LYS A 27 12.99 23.51 -18.03
C LYS A 27 12.77 23.59 -16.52
N TYR A 28 12.24 22.53 -15.93
CA TYR A 28 11.95 22.52 -14.48
C TYR A 28 13.23 22.63 -13.65
N THR A 29 14.25 21.85 -14.02
CA THR A 29 15.48 21.81 -13.25
C THR A 29 16.30 23.10 -13.40
N GLU A 30 16.01 23.88 -14.44
CA GLU A 30 16.63 25.20 -14.61
C GLU A 30 15.92 26.30 -13.80
N ILE A 31 14.61 26.16 -13.62
CA ILE A 31 13.80 27.17 -12.93
C ILE A 31 13.85 26.98 -11.41
N HIS A 32 13.76 25.73 -10.99
CA HIS A 32 13.67 25.39 -9.57
C HIS A 32 15.06 25.02 -9.05
N PRO A 33 15.67 25.90 -8.24
CA PRO A 33 17.08 25.78 -7.91
C PRO A 33 17.46 24.53 -7.11
N GLU A 34 16.51 24.00 -6.34
CA GLU A 34 16.75 22.78 -5.57
C GLU A 34 16.93 21.54 -6.48
N MET A 35 16.42 21.63 -7.70
CA MET A 35 16.51 20.52 -8.66
C MET A 35 17.70 20.63 -9.61
N ARG A 36 18.65 21.52 -9.33
CA ARG A 36 19.86 21.68 -10.15
C ARG A 36 20.67 20.40 -10.32
N HIS A 37 20.75 19.60 -9.27
CA HIS A 37 21.54 18.36 -9.26
C HIS A 37 20.97 17.24 -10.15
N VAL A 38 19.70 17.35 -10.55
CA VAL A 38 19.00 16.32 -11.32
C VAL A 38 19.60 16.15 -12.73
N ASP A 39 19.85 14.90 -13.12
CA ASP A 39 20.35 14.58 -14.46
C ASP A 39 19.13 14.18 -15.30
N CYS A 40 18.76 15.04 -16.25
CA CYS A 40 17.51 14.87 -16.98
C CYS A 40 17.49 13.62 -17.85
N GLN A 41 18.63 13.31 -18.46
CA GLN A 41 18.77 12.07 -19.23
C GLN A 41 18.56 10.85 -18.33
N SER A 42 19.07 10.91 -17.11
CA SER A 42 18.85 9.83 -16.14
C SER A 42 17.37 9.71 -15.77
N VAL A 43 16.71 10.85 -15.54
CA VAL A 43 15.28 10.84 -15.23
C VAL A 43 14.50 10.18 -16.36
N TRP A 44 14.80 10.56 -17.60
CA TRP A 44 14.11 9.97 -18.76
C TRP A 44 14.38 8.47 -18.86
N ASP A 45 15.63 8.05 -18.65
CA ASP A 45 15.96 6.63 -18.65
C ASP A 45 15.17 5.86 -17.60
N ALA A 46 15.02 6.44 -16.42
CA ALA A 46 14.20 5.84 -15.35
C ALA A 46 12.71 5.78 -15.70
N PHE A 47 12.23 6.84 -16.35
CA PHE A 47 10.84 6.90 -16.82
C PHE A 47 10.60 5.81 -17.87
N LYS A 48 11.53 5.65 -18.82
CA LYS A 48 11.41 4.61 -19.88
C LYS A 48 11.39 3.21 -19.30
N GLY A 49 12.31 2.94 -18.38
CA GLY A 49 12.46 1.61 -17.80
C GLY A 49 11.25 1.13 -17.03
N ALA A 50 10.43 2.07 -16.55
CA ALA A 50 9.20 1.71 -15.85
C ALA A 50 8.18 1.01 -16.75
N PHE A 51 8.12 1.38 -18.04
CA PHE A 51 7.06 0.86 -18.90
C PHE A 51 7.46 0.29 -20.29
N ILE A 52 8.66 0.61 -20.78
CA ILE A 52 9.11 0.03 -22.07
C ILE A 52 9.32 -1.46 -21.92
N SER A 53 8.86 -2.21 -22.93
CA SER A 53 8.99 -3.67 -22.97
C SER A 53 8.11 -4.38 -21.95
N LYS A 54 7.28 -3.62 -21.24
CA LYS A 54 6.37 -4.20 -20.26
C LYS A 54 4.99 -4.26 -20.86
N HIS A 55 4.24 -5.31 -20.52
CA HIS A 55 2.84 -5.37 -20.90
C HIS A 55 2.11 -4.19 -20.26
N PRO A 56 1.40 -3.37 -21.05
CA PRO A 56 0.78 -2.14 -20.55
C PRO A 56 -0.41 -2.33 -19.62
N CYS A 57 -0.76 -3.58 -19.32
CA CYS A 57 -1.76 -3.91 -18.33
C CYS A 57 -1.15 -4.61 -17.10
N ASP A 58 0.19 -4.67 -17.06
CA ASP A 58 0.88 -5.29 -15.93
C ASP A 58 1.95 -4.37 -15.32
N ILE A 59 1.63 -3.08 -15.19
CA ILE A 59 2.57 -2.13 -14.60
C ILE A 59 2.36 -2.09 -13.10
N THR A 60 3.48 -1.93 -12.39
CA THR A 60 3.53 -1.97 -10.93
C THR A 60 4.12 -0.67 -10.39
N GLU A 61 3.76 -0.32 -9.15
CA GLU A 61 4.35 0.86 -8.50
C GLU A 61 5.86 0.72 -8.39
N GLU A 62 6.33 -0.50 -8.10
CA GLU A 62 7.77 -0.80 -8.10
C GLU A 62 8.47 -0.50 -9.43
N ASP A 63 7.76 -0.65 -10.55
CA ASP A 63 8.27 -0.25 -11.87
C ASP A 63 8.71 1.21 -11.88
N TYR A 64 8.01 2.05 -11.12
CA TYR A 64 8.31 3.48 -11.11
C TYR A 64 9.26 3.91 -9.98
N GLN A 65 9.83 2.96 -9.24
CA GLN A 65 10.67 3.30 -8.09
C GLN A 65 11.97 4.05 -8.44
N PRO A 66 12.68 3.61 -9.50
CA PRO A 66 13.86 4.37 -9.90
C PRO A 66 13.53 5.81 -10.27
N LEU A 67 12.40 6.02 -10.96
CA LEU A 67 11.94 7.37 -11.30
C LEU A 67 11.55 8.19 -10.07
N MET A 68 10.81 7.59 -9.13
CA MET A 68 10.48 8.27 -7.87
C MET A 68 11.74 8.71 -7.14
N LYS A 69 12.76 7.86 -7.12
CA LYS A 69 13.99 8.16 -6.42
C LYS A 69 14.74 9.34 -7.05
N LEU A 70 14.83 9.35 -8.38
CA LEU A 70 15.50 10.45 -9.08
C LEU A 70 14.72 11.76 -8.96
N GLY A 71 13.39 11.67 -8.89
CA GLY A 71 12.52 12.84 -8.78
C GLY A 71 12.13 13.17 -7.35
N THR A 72 12.92 12.69 -6.39
CA THR A 72 12.72 13.03 -4.98
C THR A 72 12.79 14.53 -4.84
N GLN A 73 11.84 15.09 -4.11
CA GLN A 73 11.75 16.53 -3.99
C GLN A 73 11.13 16.87 -2.64
N THR A 74 11.74 17.83 -1.95
CA THR A 74 11.16 18.30 -0.70
C THR A 74 10.19 19.42 -1.02
N VAL A 75 8.91 19.18 -0.77
CA VAL A 75 7.89 20.17 -0.99
C VAL A 75 7.52 20.74 0.38
N PRO A 76 7.30 22.06 0.48
CA PRO A 76 6.90 22.62 1.78
C PRO A 76 5.60 21.98 2.25
N CYS A 77 5.68 21.23 3.34
CA CYS A 77 4.67 20.26 3.70
C CYS A 77 3.32 20.89 4.06
N ASN A 78 3.37 22.13 4.55
CA ASN A 78 2.18 22.88 4.99
C ASN A 78 1.55 23.75 3.89
N LYS A 79 2.05 23.64 2.66
CA LYS A 79 1.61 24.47 1.56
C LYS A 79 1.03 23.66 0.39
N ILE A 80 0.45 22.51 0.70
CA ILE A 80 -0.09 21.62 -0.33
C ILE A 80 -1.54 21.97 -0.66
N LEU A 81 -1.80 22.11 -1.95
CA LEU A 81 -3.16 22.25 -2.45
C LEU A 81 -3.52 20.97 -3.21
N LEU A 82 -4.45 20.21 -2.65
CA LEU A 82 -5.05 19.12 -3.40
C LEU A 82 -6.23 19.72 -4.19
N TRP A 83 -6.72 19.01 -5.18
CA TRP A 83 -7.86 19.49 -5.93
C TRP A 83 -8.54 18.27 -6.50
N SER A 84 -9.83 18.39 -6.79
CA SER A 84 -10.56 17.32 -7.42
C SER A 84 -11.53 17.87 -8.48
N ARG A 85 -11.34 17.44 -9.73
CA ARG A 85 -12.24 17.77 -10.85
C ARG A 85 -12.36 19.26 -11.13
N ILE A 86 -11.34 20.03 -10.79
CA ILE A 86 -11.34 21.48 -10.99
C ILE A 86 -9.89 21.87 -11.30
N LYS A 87 -9.35 21.22 -12.33
CA LYS A 87 -7.92 21.32 -12.66
C LYS A 87 -7.52 22.76 -12.97
N ASP A 88 -8.27 23.41 -13.84
CA ASP A 88 -7.85 24.70 -14.36
C ASP A 88 -7.74 25.76 -13.25
N LEU A 89 -8.77 25.89 -12.43
CA LEU A 89 -8.76 26.89 -11.36
C LEU A 89 -7.65 26.61 -10.33
N ALA A 90 -7.45 25.35 -9.99
CA ALA A 90 -6.42 25.00 -9.02
C ALA A 90 -5.03 25.42 -9.51
N HIS A 91 -4.78 25.25 -10.81
CA HIS A 91 -3.50 25.64 -11.38
C HIS A 91 -3.37 27.14 -11.64
N GLN A 92 -4.47 27.80 -12.01
CA GLN A 92 -4.46 29.26 -12.08
C GLN A 92 -4.09 29.84 -10.71
N PHE A 93 -4.61 29.21 -9.66
CA PHE A 93 -4.36 29.68 -8.30
C PHE A 93 -2.87 29.54 -7.93
N THR A 94 -2.27 28.39 -8.19
CA THR A 94 -0.85 28.21 -7.85
C THR A 94 0.12 28.90 -8.82
N GLN A 95 -0.34 29.25 -10.02
CA GLN A 95 0.49 30.07 -10.90
C GLN A 95 0.59 31.50 -10.39
N VAL A 96 -0.40 31.92 -9.61
CA VAL A 96 -0.41 33.27 -9.02
C VAL A 96 0.12 33.24 -7.59
N GLN A 97 -0.40 32.31 -6.78
CA GLN A 97 0.04 32.14 -5.40
C GLN A 97 1.17 31.10 -5.40
N ARG A 98 2.40 31.59 -5.56
CA ARG A 98 3.55 30.74 -5.87
C ARG A 98 4.12 29.95 -4.70
N ASP A 99 3.68 30.24 -3.47
CA ASP A 99 4.13 29.50 -2.31
C ASP A 99 3.37 28.16 -2.14
N MET A 100 2.20 28.02 -2.78
CA MET A 100 1.38 26.81 -2.68
C MET A 100 1.61 25.87 -3.87
N PHE A 101 1.49 24.58 -3.64
CA PHE A 101 1.88 23.60 -4.64
C PHE A 101 0.81 22.57 -4.86
N THR A 102 0.44 22.35 -6.12
CA THR A 102 -0.31 21.15 -6.49
C THR A 102 0.66 20.07 -6.91
N LEU A 103 0.14 18.86 -7.08
CA LEU A 103 0.98 17.76 -7.56
C LEU A 103 1.67 18.12 -8.89
N GLU A 104 0.94 18.81 -9.76
CA GLU A 104 1.48 19.17 -11.08
C GLU A 104 2.54 20.26 -11.04
N ASP A 105 2.76 20.87 -9.87
CA ASP A 105 3.84 21.81 -9.67
C ASP A 105 5.13 21.15 -9.16
N THR A 106 5.10 19.84 -8.88
CA THR A 106 6.31 19.08 -8.53
C THR A 106 6.96 18.63 -9.82
N LEU A 107 8.22 18.25 -9.76
CA LEU A 107 8.91 17.82 -10.96
C LEU A 107 8.16 16.68 -11.64
N LEU A 108 7.90 15.60 -10.92
CA LEU A 108 7.30 14.42 -11.55
C LEU A 108 5.90 14.70 -12.07
N GLY A 109 5.11 15.46 -11.31
CA GLY A 109 3.79 15.87 -11.79
C GLY A 109 3.85 16.72 -13.04
N TYR A 110 4.80 17.66 -13.07
CA TYR A 110 4.99 18.57 -14.17
C TYR A 110 5.42 17.83 -15.44
N LEU A 111 6.34 16.87 -15.29
CA LEU A 111 6.79 16.03 -16.43
C LEU A 111 5.60 15.32 -17.09
N ALA A 112 4.69 14.77 -16.28
CA ALA A 112 3.63 13.90 -16.82
C ALA A 112 2.30 14.56 -17.15
N ASP A 113 2.12 15.80 -16.70
CA ASP A 113 0.82 16.51 -16.80
C ASP A 113 0.31 16.52 -18.25
N ASP A 114 -0.92 16.01 -18.43
CA ASP A 114 -1.62 15.97 -19.72
C ASP A 114 -1.01 15.04 -20.77
N LEU A 115 -0.08 14.18 -20.36
CA LEU A 115 0.56 13.26 -21.30
C LEU A 115 -0.02 11.86 -21.16
N THR A 116 0.12 11.08 -22.23
CA THR A 116 -0.25 9.68 -22.24
C THR A 116 0.95 8.91 -22.76
N TRP A 117 1.18 7.72 -22.22
CA TRP A 117 2.27 6.90 -22.72
C TRP A 117 2.01 5.42 -22.47
N CYS A 118 2.44 4.56 -23.40
CA CYS A 118 2.51 3.14 -23.11
C CYS A 118 3.47 2.42 -24.04
N GLY A 119 3.95 1.25 -23.59
CA GLY A 119 4.80 0.39 -24.37
C GLY A 119 4.07 -0.85 -24.81
N GLU A 120 4.83 -1.81 -25.30
CA GLU A 120 4.30 -3.07 -25.84
C GLU A 120 5.12 -4.20 -25.25
N PHE A 121 4.47 -5.32 -24.96
CA PHE A 121 5.16 -6.45 -24.37
C PHE A 121 6.05 -7.08 -25.45
N ASP A 122 7.24 -7.54 -25.04
CA ASP A 122 8.18 -8.22 -25.95
C ASP A 122 8.68 -7.36 -27.12
N THR A 123 8.76 -6.04 -26.90
CA THR A 123 9.33 -5.12 -27.89
C THR A 123 9.66 -3.79 -27.24
N SER A 124 10.58 -3.04 -27.85
CA SER A 124 11.09 -1.82 -27.24
C SER A 124 10.32 -0.56 -27.61
N LYS A 125 9.35 -0.65 -28.52
CA LYS A 125 8.72 0.59 -29.02
C LYS A 125 7.68 1.19 -28.07
N ILE A 126 7.53 2.51 -28.19
CA ILE A 126 6.42 3.24 -27.60
C ILE A 126 5.20 3.06 -28.50
N ASN A 127 4.03 2.89 -27.91
CA ASN A 127 2.80 2.67 -28.68
C ASN A 127 2.13 4.02 -28.94
N TYR A 128 2.30 4.53 -30.16
CA TYR A 128 1.69 5.83 -30.52
C TYR A 128 0.28 5.69 -31.11
N GLN A 129 -0.24 4.48 -31.17
CA GLN A 129 -1.55 4.26 -31.78
C GLN A 129 -2.65 4.29 -30.73
N SER A 130 -2.48 3.51 -29.66
CA SER A 130 -3.46 3.47 -28.56
C SER A 130 -2.84 2.98 -27.25
N CYS A 131 -3.48 3.33 -26.13
CA CYS A 131 -3.05 2.86 -24.80
C CYS A 131 -4.27 2.43 -23.97
N PRO A 132 -4.05 1.52 -22.99
CA PRO A 132 -5.18 1.00 -22.23
C PRO A 132 -5.95 2.07 -21.48
N ASP A 133 -7.27 2.02 -21.60
CA ASP A 133 -8.14 2.88 -20.83
C ASP A 133 -8.38 2.21 -19.47
N TRP A 134 -8.37 3.01 -18.42
CA TRP A 134 -8.51 2.51 -17.05
C TRP A 134 -9.81 1.69 -16.86
N ARG A 135 -10.91 2.16 -17.45
CA ARG A 135 -12.20 1.48 -17.27
C ARG A 135 -12.47 0.41 -18.32
N LYS A 136 -12.22 0.73 -19.58
CA LYS A 136 -12.54 -0.19 -20.68
C LYS A 136 -11.53 -1.32 -20.87
N ASP A 137 -10.27 -1.12 -20.48
CA ASP A 137 -9.22 -2.11 -20.74
C ASP A 137 -8.61 -2.70 -19.45
N CYS A 138 -7.90 -1.89 -18.67
CA CYS A 138 -7.23 -2.39 -17.47
C CYS A 138 -6.76 -1.24 -16.58
N SER A 139 -6.81 -1.47 -15.26
CA SER A 139 -6.41 -0.46 -14.28
C SER A 139 -4.89 -0.33 -14.13
N ASN A 140 -4.15 -1.42 -14.34
CA ASN A 140 -2.72 -1.44 -14.06
C ASN A 140 -1.90 -1.02 -15.27
N ASN A 141 -2.24 0.14 -15.82
CA ASN A 141 -1.60 0.66 -17.03
C ASN A 141 -0.59 1.76 -16.66
N PRO A 142 0.34 2.07 -17.57
CA PRO A 142 1.45 2.97 -17.21
C PRO A 142 1.01 4.32 -16.64
N VAL A 143 -0.02 4.92 -17.24
CA VAL A 143 -0.44 6.26 -16.86
C VAL A 143 -1.15 6.21 -15.49
N SER A 144 -2.10 5.31 -15.35
CA SER A 144 -2.85 5.18 -14.10
C SER A 144 -1.94 4.83 -12.92
N VAL A 145 -0.97 3.91 -13.16
CA VAL A 145 -0.08 3.47 -12.08
C VAL A 145 0.86 4.61 -11.65
N PHE A 146 1.33 5.37 -12.63
CA PHE A 146 2.16 6.53 -12.35
C PHE A 146 1.42 7.48 -11.43
N TRP A 147 0.21 7.86 -11.80
CA TRP A 147 -0.51 8.87 -11.03
C TRP A 147 -0.88 8.39 -9.65
N LYS A 148 -1.25 7.11 -9.51
CA LYS A 148 -1.53 6.55 -8.20
C LYS A 148 -0.28 6.62 -7.34
N THR A 149 0.88 6.28 -7.88
CA THR A 149 2.12 6.27 -7.12
C THR A 149 2.55 7.66 -6.64
N VAL A 150 2.57 8.64 -7.54
CA VAL A 150 3.02 9.97 -7.18
C VAL A 150 1.98 10.70 -6.32
N SER A 151 0.70 10.36 -6.46
CA SER A 151 -0.37 10.98 -5.68
C SER A 151 -0.31 10.52 -4.22
N ARG A 152 -0.05 9.23 -4.02
CA ARG A 152 0.15 8.70 -2.68
C ARG A 152 1.32 9.39 -1.99
N ARG A 153 2.44 9.50 -2.72
CA ARG A 153 3.65 10.08 -2.16
C ARG A 153 3.45 11.57 -1.85
N PHE A 154 2.74 12.28 -2.70
CA PHE A 154 2.44 13.68 -2.48
C PHE A 154 1.57 13.85 -1.24
N ALA A 155 0.51 13.04 -1.11
CA ALA A 155 -0.36 13.09 0.07
C ALA A 155 0.44 12.75 1.36
N GLU A 156 1.36 11.79 1.26
CA GLU A 156 2.17 11.39 2.40
C GLU A 156 3.13 12.49 2.89
N ALA A 157 3.47 13.42 2.01
CA ALA A 157 4.37 14.52 2.34
C ALA A 157 3.66 15.66 3.06
N ALA A 158 2.34 15.69 3.05
CA ALA A 158 1.61 16.83 3.59
C ALA A 158 1.65 16.90 5.12
N CYS A 159 1.61 18.12 5.64
CA CYS A 159 1.55 18.33 7.08
C CYS A 159 0.64 19.55 7.40
N ASP A 160 0.35 19.74 8.68
CA ASP A 160 -0.35 20.94 9.19
C ASP A 160 -1.74 21.08 8.53
N VAL A 161 -2.00 22.19 7.85
CA VAL A 161 -3.27 22.37 7.17
C VAL A 161 -3.05 22.01 5.69
N VAL A 162 -3.81 21.05 5.19
CA VAL A 162 -3.84 20.72 3.78
C VAL A 162 -5.17 21.23 3.22
N HIS A 163 -5.10 21.87 2.06
CA HIS A 163 -6.27 22.48 1.44
C HIS A 163 -6.65 21.65 0.25
N VAL A 164 -7.95 21.54 -0.02
CA VAL A 164 -8.43 20.89 -1.22
C VAL A 164 -9.48 21.74 -1.91
N MET A 165 -9.26 21.98 -3.21
CA MET A 165 -10.22 22.71 -4.01
C MET A 165 -11.17 21.70 -4.66
N LEU A 166 -12.48 21.94 -4.47
CA LEU A 166 -13.53 21.10 -5.02
C LEU A 166 -14.50 21.90 -5.91
N ASP A 167 -15.09 21.23 -6.90
CA ASP A 167 -16.01 21.86 -7.86
C ASP A 167 -17.45 21.74 -7.38
N GLY A 168 -17.98 22.84 -6.85
CA GLY A 168 -19.34 22.89 -6.35
C GLY A 168 -20.45 22.80 -7.39
N SER A 169 -20.12 22.90 -8.68
CA SER A 169 -21.14 22.76 -9.73
C SER A 169 -21.31 21.32 -10.21
N ARG A 170 -20.64 20.36 -9.59
CA ARG A 170 -20.74 18.95 -10.00
C ARG A 170 -21.78 18.17 -9.21
N SER A 171 -22.27 17.10 -9.83
CA SER A 171 -23.19 16.14 -9.20
C SER A 171 -22.67 15.65 -7.86
N LYS A 172 -21.43 15.17 -7.85
CA LYS A 172 -20.76 14.74 -6.62
C LYS A 172 -19.59 15.67 -6.37
N ILE A 173 -19.78 16.65 -5.48
CA ILE A 173 -18.73 17.63 -5.20
C ILE A 173 -17.50 16.93 -4.66
N PHE A 174 -17.71 16.03 -3.70
CA PHE A 174 -16.71 15.07 -3.30
C PHE A 174 -17.09 13.72 -3.88
N ASP A 175 -16.18 13.14 -4.65
CA ASP A 175 -16.39 11.86 -5.30
C ASP A 175 -15.38 10.86 -4.76
N LYS A 176 -15.89 9.83 -4.10
CA LYS A 176 -15.02 8.83 -3.49
C LYS A 176 -14.16 8.10 -4.53
N ASP A 177 -14.59 8.11 -5.79
CA ASP A 177 -13.90 7.38 -6.86
C ASP A 177 -12.85 8.23 -7.60
N SER A 178 -12.73 9.51 -7.24
CA SER A 178 -11.70 10.37 -7.79
C SER A 178 -10.35 9.98 -7.21
N THR A 179 -9.25 10.48 -7.80
CA THR A 179 -7.92 10.24 -7.20
C THR A 179 -7.80 10.91 -5.83
N PHE A 180 -8.37 12.10 -5.68
CA PHE A 180 -8.44 12.70 -4.36
C PHE A 180 -9.09 11.75 -3.36
N GLY A 181 -10.25 11.23 -3.72
CA GLY A 181 -11.08 10.48 -2.82
C GLY A 181 -10.62 9.07 -2.58
N SER A 182 -10.01 8.45 -3.59
CA SER A 182 -9.61 7.05 -3.47
C SER A 182 -8.16 6.86 -3.05
N VAL A 183 -7.30 7.85 -3.28
CA VAL A 183 -5.88 7.72 -2.97
C VAL A 183 -5.46 8.77 -1.93
N GLU A 184 -5.66 10.05 -2.24
CA GLU A 184 -5.02 11.11 -1.45
C GLU A 184 -5.59 11.23 -0.04
N VAL A 185 -6.91 11.16 0.10
CA VAL A 185 -7.57 11.20 1.41
C VAL A 185 -7.06 10.10 2.36
N HIS A 186 -6.75 8.93 1.82
CA HIS A 186 -6.35 7.79 2.66
C HIS A 186 -4.85 7.70 2.91
N ASN A 187 -4.09 8.62 2.30
CA ASN A 187 -2.65 8.68 2.46
C ASN A 187 -2.12 9.94 3.15
N LEU A 188 -3.02 10.83 3.58
CA LEU A 188 -2.65 11.88 4.51
C LEU A 188 -2.26 11.21 5.84
N GLN A 189 -1.21 11.69 6.49
CA GLN A 189 -0.71 11.07 7.73
C GLN A 189 -1.34 11.78 8.93
N PRO A 190 -2.21 11.08 9.68
CA PRO A 190 -2.84 11.67 10.88
C PRO A 190 -1.85 12.21 11.90
N GLU A 191 -0.65 11.63 11.93
CA GLU A 191 0.38 12.07 12.86
C GLU A 191 0.87 13.50 12.54
N LYS A 192 0.77 13.89 11.27
CA LYS A 192 1.34 15.14 10.76
C LYS A 192 0.28 16.17 10.39
N VAL A 193 -0.85 15.70 9.87
CA VAL A 193 -1.85 16.59 9.32
C VAL A 193 -2.87 16.95 10.39
N GLN A 194 -2.94 18.23 10.69
CA GLN A 194 -3.91 18.72 11.65
C GLN A 194 -5.32 18.83 11.09
N THR A 195 -5.43 19.41 9.90
CA THR A 195 -6.71 19.77 9.30
C THR A 195 -6.69 19.62 7.80
N LEU A 196 -7.80 19.13 7.25
CA LEU A 196 -8.07 19.19 5.81
C LEU A 196 -9.16 20.25 5.66
N GLU A 197 -8.80 21.29 4.90
CA GLU A 197 -9.73 22.38 4.62
C GLU A 197 -10.13 22.37 3.15
N ALA A 198 -11.43 22.19 2.91
CA ALA A 198 -12.00 22.21 1.58
C ALA A 198 -12.45 23.63 1.18
N TRP A 199 -12.15 23.98 -0.06
CA TRP A 199 -12.68 25.18 -0.67
C TRP A 199 -13.61 24.73 -1.76
N VAL A 200 -14.89 24.93 -1.53
CA VAL A 200 -15.90 24.53 -2.47
C VAL A 200 -16.22 25.70 -3.39
N ILE A 201 -15.79 25.57 -4.64
CA ILE A 201 -15.88 26.65 -5.63
C ILE A 201 -17.24 26.61 -6.30
N HIS A 202 -18.05 27.63 -6.08
CA HIS A 202 -19.38 27.70 -6.70
C HIS A 202 -19.32 27.96 -8.18
N GLY A 203 -20.32 27.49 -8.90
CA GLY A 203 -20.51 27.85 -10.31
C GLY A 203 -20.97 29.29 -10.43
N GLY A 204 -20.94 29.82 -11.65
CA GLY A 204 -21.41 31.18 -11.87
C GLY A 204 -22.91 31.25 -11.62
N ARG A 205 -23.38 32.33 -11.02
CA ARG A 205 -24.81 32.49 -10.79
C ARG A 205 -25.25 32.06 -9.38
N GLU A 206 -24.91 30.83 -8.98
CA GLU A 206 -25.41 30.29 -7.71
C GLU A 206 -24.45 30.64 -6.57
N ASP A 207 -24.74 31.74 -5.87
CA ASP A 207 -23.81 32.32 -4.89
C ASP A 207 -24.33 32.30 -3.44
N SER A 208 -25.25 31.38 -3.14
CA SER A 208 -26.00 31.44 -1.88
C SER A 208 -26.06 30.16 -1.08
N ARG A 209 -26.26 29.03 -1.75
CA ARG A 209 -26.40 27.73 -1.08
C ARG A 209 -25.13 27.39 -0.28
N ASP A 210 -25.28 26.91 0.95
CA ASP A 210 -24.11 26.50 1.73
C ASP A 210 -23.76 25.06 1.37
N LEU A 211 -22.83 24.92 0.43
CA LEU A 211 -22.43 23.64 -0.11
C LEU A 211 -21.56 22.82 0.84
N CYS A 212 -21.13 23.41 1.95
CA CYS A 212 -20.46 22.65 3.00
C CYS A 212 -21.43 21.70 3.73
N GLN A 213 -22.74 21.93 3.58
CA GLN A 213 -23.77 20.99 4.07
C GLN A 213 -24.20 19.98 3.02
N ASP A 214 -23.55 19.97 1.86
CA ASP A 214 -23.88 18.99 0.84
C ASP A 214 -23.58 17.58 1.36
N PRO A 215 -24.46 16.61 1.05
CA PRO A 215 -24.30 15.21 1.46
C PRO A 215 -22.91 14.62 1.24
N THR A 216 -22.30 14.88 0.08
CA THR A 216 -20.95 14.32 -0.19
C THR A 216 -19.84 15.03 0.58
N ILE A 217 -19.99 16.31 0.87
CA ILE A 217 -19.06 17.01 1.76
C ILE A 217 -19.14 16.43 3.18
N LYS A 218 -20.35 16.14 3.64
CA LYS A 218 -20.58 15.52 4.94
C LYS A 218 -19.94 14.13 5.04
N GLU A 219 -19.97 13.39 3.93
CA GLU A 219 -19.29 12.12 3.80
C GLU A 219 -17.77 12.31 3.90
N LEU A 220 -17.22 13.29 3.19
CA LEU A 220 -15.80 13.61 3.30
C LEU A 220 -15.44 13.95 4.74
N GLU A 221 -16.25 14.81 5.37
CA GLU A 221 -16.02 15.20 6.75
C GLU A 221 -15.93 13.99 7.68
N SER A 222 -16.87 13.06 7.51
CA SER A 222 -16.93 11.88 8.34
C SER A 222 -15.69 11.01 8.13
N ILE A 223 -15.30 10.82 6.88
CA ILE A 223 -14.13 9.99 6.58
C ILE A 223 -12.87 10.59 7.23
N ILE A 224 -12.65 11.86 6.96
CA ILE A 224 -11.50 12.59 7.52
C ILE A 224 -11.49 12.60 9.05
N SER A 225 -12.66 12.85 9.65
CA SER A 225 -12.80 12.87 11.10
C SER A 225 -12.45 11.54 11.71
N LYS A 226 -12.90 10.45 11.07
CA LYS A 226 -12.64 9.11 11.59
C LYS A 226 -11.18 8.74 11.44
N ARG A 227 -10.42 9.50 10.65
CA ARG A 227 -8.97 9.29 10.55
C ARG A 227 -8.20 10.11 11.60
N ASN A 228 -8.92 10.83 12.46
CA ASN A 228 -8.32 11.71 13.47
C ASN A 228 -7.63 12.94 12.87
N ILE A 229 -8.24 13.46 11.82
CA ILE A 229 -7.85 14.73 11.20
C ILE A 229 -9.09 15.63 11.26
N GLN A 230 -8.89 16.90 11.59
CA GLN A 230 -9.98 17.86 11.66
C GLN A 230 -10.43 18.23 10.26
N PHE A 231 -11.73 18.47 10.08
CA PHE A 231 -12.26 18.91 8.78
C PHE A 231 -12.81 20.33 8.85
N SER A 232 -12.49 21.11 7.84
CA SER A 232 -12.95 22.46 7.71
C SER A 232 -13.42 22.69 6.28
N CYS A 233 -14.43 23.52 6.10
CA CYS A 233 -14.95 23.79 4.75
C CYS A 233 -15.31 25.27 4.60
N LYS A 234 -15.02 25.82 3.43
CA LYS A 234 -15.39 27.18 3.08
C LYS A 234 -16.02 27.20 1.69
N ASN A 235 -17.10 27.98 1.54
CA ASN A 235 -17.70 28.23 0.25
C ASN A 235 -16.90 29.34 -0.43
N ILE A 236 -16.59 29.19 -1.70
CA ILE A 236 -16.13 30.29 -2.52
C ILE A 236 -17.32 30.60 -3.38
N TYR A 237 -18.17 31.49 -2.87
CA TYR A 237 -19.49 31.76 -3.45
C TYR A 237 -19.39 32.39 -4.83
N ARG A 238 -18.41 33.25 -5.01
CA ARG A 238 -18.23 34.00 -6.25
C ARG A 238 -16.79 33.88 -6.71
N PRO A 239 -16.50 32.93 -7.62
CA PRO A 239 -15.12 32.66 -8.04
C PRO A 239 -14.40 33.82 -8.72
N ASP A 240 -15.17 34.71 -9.34
CA ASP A 240 -14.61 35.90 -9.99
C ASP A 240 -13.93 36.80 -8.98
N LYS A 241 -14.64 37.11 -7.89
CA LYS A 241 -14.08 37.91 -6.80
C LYS A 241 -12.86 37.21 -6.18
N PHE A 242 -12.94 35.90 -5.97
CA PHE A 242 -11.80 35.10 -5.45
C PHE A 242 -10.56 35.27 -6.32
N LEU A 243 -10.75 35.18 -7.63
CA LEU A 243 -9.64 35.34 -8.59
C LEU A 243 -9.10 36.78 -8.59
N GLN A 244 -10.00 37.76 -8.59
CA GLN A 244 -9.63 39.17 -8.44
C GLN A 244 -8.66 39.33 -7.25
N CYS A 245 -9.04 38.75 -6.11
CA CYS A 245 -8.31 38.92 -4.87
C CYS A 245 -6.99 38.13 -4.78
N VAL A 246 -6.98 36.92 -5.35
CA VAL A 246 -5.75 36.13 -5.44
C VAL A 246 -4.71 36.86 -6.31
N LYS A 247 -5.14 37.34 -7.47
CA LYS A 247 -4.27 38.09 -8.41
C LYS A 247 -3.76 39.44 -7.89
N ASN A 248 -4.57 40.13 -7.08
CA ASN A 248 -4.18 41.42 -6.50
C ASN A 248 -4.66 41.53 -5.05
N PRO A 249 -3.90 40.92 -4.11
CA PRO A 249 -4.34 40.91 -2.71
C PRO A 249 -4.24 42.23 -1.97
N GLU A 250 -3.60 43.25 -2.56
CA GLU A 250 -3.69 44.62 -2.02
C GLU A 250 -5.00 45.31 -2.41
N ASP A 251 -5.78 44.69 -3.29
CA ASP A 251 -7.06 45.25 -3.73
C ASP A 251 -7.92 45.50 -2.49
N SER A 252 -8.23 46.76 -2.20
CA SER A 252 -8.94 47.08 -0.96
C SER A 252 -10.38 46.53 -0.91
N SER A 253 -10.87 45.97 -2.02
CA SER A 253 -12.16 45.26 -2.01
C SER A 253 -12.04 43.85 -1.45
N CYS A 254 -10.81 43.38 -1.33
CA CYS A 254 -10.50 42.07 -0.80
C CYS A 254 -10.20 42.09 0.69
N ARG B 3 -26.78 -3.17 -6.37
CA ARG B 3 -25.99 -2.73 -7.55
C ARG B 3 -25.04 -3.82 -8.06
N TRP B 4 -24.68 -3.63 -9.32
CA TRP B 4 -23.89 -4.53 -10.12
C TRP B 4 -22.40 -4.21 -9.97
N ARG B 5 -22.08 -3.14 -9.24
CA ARG B 5 -20.70 -2.68 -9.06
C ARG B 5 -20.15 -3.09 -7.70
N GLN B 6 -19.02 -3.78 -7.67
CA GLN B 6 -18.40 -4.13 -6.43
C GLN B 6 -17.45 -3.02 -6.01
N THR B 7 -17.29 -2.85 -4.71
CA THR B 7 -16.51 -1.72 -4.22
C THR B 7 -15.01 -1.89 -4.37
N TRP B 8 -14.55 -3.13 -4.20
CA TRP B 8 -13.12 -3.40 -4.08
C TRP B 8 -12.73 -4.49 -5.05
N SER B 9 -11.42 -4.63 -5.26
CA SER B 9 -10.88 -5.61 -6.22
C SER B 9 -10.55 -6.96 -5.62
N GLY B 10 -10.49 -7.05 -4.29
CA GLY B 10 -10.07 -8.28 -3.64
C GLY B 10 -11.28 -9.11 -3.23
N PRO B 11 -11.03 -10.37 -2.82
CA PRO B 11 -12.10 -11.22 -2.30
C PRO B 11 -12.81 -10.60 -1.10
N GLY B 12 -14.10 -10.90 -0.95
CA GLY B 12 -14.85 -10.38 0.18
C GLY B 12 -14.57 -11.18 1.44
N THR B 13 -15.30 -10.85 2.51
CA THR B 13 -15.13 -11.51 3.78
C THR B 13 -15.52 -12.97 3.64
N THR B 14 -14.70 -13.85 4.22
CA THR B 14 -14.99 -15.30 4.22
C THR B 14 -16.39 -15.60 4.77
N LYS B 15 -17.11 -16.50 4.11
CA LYS B 15 -18.46 -16.86 4.55
C LYS B 15 -18.45 -17.35 6.00
N ARG B 16 -19.43 -16.90 6.78
CA ARG B 16 -19.58 -17.29 8.19
C ARG B 16 -18.34 -16.92 9.03
N PHE B 17 -17.74 -15.79 8.70
CA PHE B 17 -16.54 -15.32 9.33
C PHE B 17 -16.69 -15.19 10.86
N PRO B 18 -17.77 -14.58 11.36
CA PRO B 18 -17.95 -14.47 12.81
C PRO B 18 -18.02 -15.83 13.51
N GLU B 19 -18.85 -16.71 12.96
CA GLU B 19 -18.96 -18.08 13.46
C GLU B 19 -17.64 -18.85 13.36
N THR B 20 -16.89 -18.65 12.28
CA THR B 20 -15.61 -19.34 12.08
C THR B 20 -14.54 -18.89 13.07
N VAL B 21 -14.44 -17.58 13.30
CA VAL B 21 -13.47 -17.05 14.25
C VAL B 21 -13.77 -17.51 15.69
N LEU B 22 -15.03 -17.47 16.08
CA LEU B 22 -15.43 -17.95 17.38
C LEU B 22 -15.13 -19.46 17.54
N ALA B 23 -15.39 -20.24 16.49
CA ALA B 23 -15.18 -21.69 16.54
C ALA B 23 -13.69 -22.02 16.60
N ARG B 24 -12.90 -21.25 15.87
CA ARG B 24 -11.44 -21.42 15.88
C ARG B 24 -10.87 -21.09 17.24
N CYS B 25 -11.45 -20.09 17.90
CA CYS B 25 -10.99 -19.71 19.24
C CYS B 25 -11.25 -20.83 20.25
N VAL B 26 -12.49 -21.33 20.29
CA VAL B 26 -12.83 -22.47 21.12
C VAL B 26 -11.89 -23.65 20.83
N LYS B 27 -11.71 -23.98 19.56
CA LYS B 27 -10.87 -25.13 19.20
C LYS B 27 -9.44 -24.93 19.69
N TYR B 28 -8.84 -23.77 19.38
CA TYR B 28 -7.48 -23.47 19.82
C TYR B 28 -7.28 -23.69 21.33
N THR B 29 -8.23 -23.21 22.14
CA THR B 29 -8.11 -23.32 23.59
C THR B 29 -8.28 -24.75 24.07
N GLU B 30 -8.89 -25.60 23.23
CA GLU B 30 -9.00 -27.02 23.54
C GLU B 30 -7.68 -27.74 23.24
N ILE B 31 -7.06 -27.42 22.11
CA ILE B 31 -5.79 -28.02 21.70
C ILE B 31 -4.65 -27.50 22.58
N HIS B 32 -4.69 -26.21 22.89
CA HIS B 32 -3.66 -25.56 23.68
C HIS B 32 -4.28 -25.05 24.99
N PRO B 33 -4.45 -25.94 25.98
CA PRO B 33 -5.15 -25.55 27.21
C PRO B 33 -4.48 -24.46 28.07
N GLU B 34 -3.22 -24.12 27.76
CA GLU B 34 -2.55 -23.00 28.43
C GLU B 34 -3.05 -21.61 28.00
N MET B 35 -3.90 -21.57 26.96
CA MET B 35 -4.53 -20.33 26.52
C MET B 35 -6.03 -20.32 26.83
N ARG B 36 -6.43 -21.25 27.67
CA ARG B 36 -7.83 -21.45 28.01
C ARG B 36 -8.44 -20.27 28.80
N HIS B 37 -7.60 -19.41 29.35
CA HIS B 37 -8.05 -18.26 30.13
C HIS B 37 -8.74 -17.21 29.25
N VAL B 38 -8.50 -17.31 27.95
CA VAL B 38 -9.08 -16.40 26.99
C VAL B 38 -10.59 -16.55 26.88
N ASP B 39 -11.30 -15.42 26.86
CA ASP B 39 -12.76 -15.41 26.70
C ASP B 39 -13.04 -15.20 25.23
N CYS B 40 -13.50 -16.25 24.55
CA CYS B 40 -13.55 -16.20 23.09
C CYS B 40 -14.58 -15.18 22.56
N GLN B 41 -15.67 -14.95 23.30
CA GLN B 41 -16.61 -13.90 22.91
C GLN B 41 -15.93 -12.53 22.96
N SER B 42 -15.13 -12.29 24.00
CA SER B 42 -14.39 -11.03 24.14
C SER B 42 -13.35 -10.88 23.04
N VAL B 43 -12.72 -11.99 22.69
CA VAL B 43 -11.78 -11.98 21.56
C VAL B 43 -12.50 -11.57 20.29
N TRP B 44 -13.66 -12.17 20.03
CA TRP B 44 -14.43 -11.79 18.84
C TRP B 44 -14.86 -10.32 18.88
N ASP B 45 -15.29 -9.84 20.05
CA ASP B 45 -15.74 -8.46 20.17
C ASP B 45 -14.60 -7.49 19.89
N ALA B 46 -13.41 -7.82 20.37
CA ALA B 46 -12.20 -7.02 20.10
C ALA B 46 -11.82 -7.01 18.61
N PHE B 47 -11.91 -8.18 18.00
CA PHE B 47 -11.53 -8.36 16.59
C PHE B 47 -12.47 -7.51 15.71
N LYS B 48 -13.76 -7.71 15.92
CA LYS B 48 -14.83 -6.98 15.24
C LYS B 48 -14.67 -5.46 15.44
N GLY B 49 -14.36 -5.06 16.67
CA GLY B 49 -14.17 -3.67 16.99
C GLY B 49 -13.05 -2.99 16.23
N ALA B 50 -12.06 -3.76 15.78
CA ALA B 50 -10.92 -3.22 15.06
C ALA B 50 -11.28 -2.67 13.66
N PHE B 51 -12.32 -3.20 13.05
CA PHE B 51 -12.61 -2.85 11.64
C PHE B 51 -14.07 -2.53 11.28
N ILE B 52 -15.03 -3.01 12.07
CA ILE B 52 -16.43 -2.69 11.81
C ILE B 52 -16.67 -1.18 11.87
N SER B 53 -17.41 -0.69 10.88
CA SER B 53 -17.72 0.73 10.70
C SER B 53 -16.57 1.61 10.29
N LYS B 54 -15.38 1.05 10.12
CA LYS B 54 -14.25 1.83 9.70
C LYS B 54 -14.11 1.73 8.18
N HIS B 55 -13.65 2.81 7.57
CA HIS B 55 -13.31 2.77 6.15
C HIS B 55 -12.15 1.76 6.01
N PRO B 56 -12.32 0.77 5.14
CA PRO B 56 -11.32 -0.29 5.05
C PRO B 56 -10.00 0.08 4.37
N CYS B 57 -9.79 1.34 4.06
CA CYS B 57 -8.48 1.83 3.67
C CYS B 57 -7.83 2.67 4.77
N ASP B 58 -8.49 2.78 5.93
CA ASP B 58 -8.03 3.65 7.02
C ASP B 58 -7.76 2.89 8.31
N ILE B 59 -7.49 1.60 8.20
CA ILE B 59 -7.19 0.79 9.37
C ILE B 59 -5.78 1.08 9.91
N THR B 60 -5.63 1.11 11.24
CA THR B 60 -4.35 1.40 11.87
C THR B 60 -3.99 0.25 12.80
N GLU B 61 -2.72 0.12 13.13
CA GLU B 61 -2.30 -0.91 14.08
C GLU B 61 -2.95 -0.69 15.44
N GLU B 62 -3.19 0.57 15.79
CA GLU B 62 -3.82 0.92 17.08
C GLU B 62 -5.27 0.35 17.15
N ASP B 63 -5.94 0.24 16.00
CA ASP B 63 -7.26 -0.40 15.93
C ASP B 63 -7.27 -1.84 16.46
N TYR B 64 -6.17 -2.56 16.28
CA TYR B 64 -6.03 -3.94 16.71
C TYR B 64 -5.44 -4.14 18.11
N GLN B 65 -5.09 -3.06 18.80
CA GLN B 65 -4.44 -3.18 20.11
C GLN B 65 -5.29 -3.93 21.14
N PRO B 66 -6.61 -3.66 21.21
CA PRO B 66 -7.41 -4.45 22.17
C PRO B 66 -7.36 -5.94 21.89
N LEU B 67 -7.38 -6.30 20.61
CA LEU B 67 -7.28 -7.70 20.21
C LEU B 67 -5.89 -8.29 20.53
N MET B 68 -4.83 -7.52 20.28
CA MET B 68 -3.48 -7.93 20.60
C MET B 68 -3.34 -8.19 22.11
N LYS B 69 -3.94 -7.32 22.92
CA LYS B 69 -3.88 -7.48 24.37
C LYS B 69 -4.60 -8.77 24.79
N LEU B 70 -5.80 -9.00 24.29
CA LEU B 70 -6.54 -10.21 24.63
C LEU B 70 -5.84 -11.50 24.15
N GLY B 71 -5.15 -11.41 23.02
CA GLY B 71 -4.44 -12.55 22.45
C GLY B 71 -2.96 -12.65 22.87
N THR B 72 -2.56 -11.91 23.89
CA THR B 72 -1.18 -12.00 24.43
C THR B 72 -0.86 -13.46 24.70
N GLN B 73 0.31 -13.89 24.24
CA GLN B 73 0.70 -15.27 24.37
C GLN B 73 2.22 -15.37 24.32
N THR B 74 2.77 -16.08 25.28
CA THR B 74 4.19 -16.34 25.32
C THR B 74 4.39 -17.74 24.77
N VAL B 75 5.04 -17.84 23.61
CA VAL B 75 5.52 -19.13 23.12
C VAL B 75 7.02 -19.15 23.34
N PRO B 76 7.63 -20.34 23.39
CA PRO B 76 9.07 -20.32 23.66
C PRO B 76 9.79 -19.52 22.58
N CYS B 77 10.43 -18.42 22.99
CA CYS B 77 11.02 -17.47 22.04
C CYS B 77 12.14 -18.09 21.20
N ASN B 78 12.72 -19.18 21.69
CA ASN B 78 13.80 -19.86 20.97
C ASN B 78 13.31 -20.94 20.00
N LYS B 79 12.00 -21.05 19.82
CA LYS B 79 11.41 -22.12 19.03
C LYS B 79 10.54 -21.60 17.88
N ILE B 80 10.89 -20.42 17.37
CA ILE B 80 10.08 -19.80 16.32
C ILE B 80 10.54 -20.20 14.92
N LEU B 81 9.58 -20.52 14.08
CA LEU B 81 9.81 -20.78 12.66
C LEU B 81 9.08 -19.71 11.86
N LEU B 82 9.86 -18.87 11.19
CA LEU B 82 9.34 -17.95 10.21
C LEU B 82 9.29 -18.68 8.88
N TRP B 83 8.49 -18.18 7.94
CA TRP B 83 8.45 -18.74 6.60
C TRP B 83 8.12 -17.65 5.63
N SER B 84 8.40 -17.89 4.37
CA SER B 84 7.98 -16.95 3.35
C SER B 84 7.58 -17.71 2.09
N ARG B 85 6.32 -17.55 1.68
CA ARG B 85 5.76 -18.11 0.45
C ARG B 85 5.81 -19.63 0.32
N ILE B 86 5.97 -20.34 1.44
CA ILE B 86 6.00 -21.80 1.45
C ILE B 86 5.21 -22.25 2.67
N LYS B 87 3.95 -21.84 2.67
CA LYS B 87 3.04 -21.98 3.79
C LYS B 87 2.77 -23.45 4.17
N ASP B 88 2.44 -24.26 3.18
CA ASP B 88 2.04 -25.65 3.43
C ASP B 88 3.12 -26.46 4.19
N LEU B 89 4.36 -26.42 3.71
CA LEU B 89 5.45 -27.19 4.32
C LEU B 89 5.80 -26.70 5.74
N ALA B 90 5.79 -25.40 5.92
CA ALA B 90 6.05 -24.81 7.22
C ALA B 90 5.02 -25.31 8.25
N HIS B 91 3.75 -25.35 7.88
CA HIS B 91 2.71 -25.85 8.77
C HIS B 91 2.78 -27.36 8.97
N GLN B 92 3.06 -28.10 7.91
CA GLN B 92 3.25 -29.55 8.02
C GLN B 92 4.38 -29.88 8.99
N PHE B 93 5.44 -29.08 8.96
CA PHE B 93 6.59 -29.25 9.84
C PHE B 93 6.20 -29.08 11.31
N THR B 94 5.52 -27.98 11.63
CA THR B 94 5.16 -27.71 13.03
C THR B 94 4.04 -28.65 13.53
N GLN B 95 3.27 -29.21 12.61
CA GLN B 95 2.26 -30.21 12.98
C GLN B 95 2.89 -31.51 13.50
N VAL B 96 4.09 -31.82 13.03
CA VAL B 96 4.81 -33.00 13.48
C VAL B 96 5.82 -32.65 14.56
N GLN B 97 6.56 -31.57 14.37
CA GLN B 97 7.53 -31.09 15.33
C GLN B 97 6.82 -30.07 16.22
N ARG B 98 6.19 -30.58 17.28
CA ARG B 98 5.17 -29.82 18.01
C ARG B 98 5.68 -28.73 18.95
N ASP B 99 6.99 -28.66 19.17
CA ASP B 99 7.56 -27.62 20.03
C ASP B 99 7.97 -26.37 19.24
N MET B 100 7.92 -26.43 17.91
CA MET B 100 8.18 -25.27 17.05
C MET B 100 6.87 -24.55 16.69
N PHE B 101 6.92 -23.23 16.58
CA PHE B 101 5.74 -22.41 16.31
C PHE B 101 5.93 -21.48 15.11
N THR B 102 5.00 -21.53 14.15
CA THR B 102 4.88 -20.45 13.18
C THR B 102 3.86 -19.50 13.76
N LEU B 103 3.73 -18.33 13.13
CA LEU B 103 2.75 -17.35 13.53
C LEU B 103 1.34 -17.94 13.59
N GLU B 104 1.02 -18.84 12.66
CA GLU B 104 -0.32 -19.44 12.57
C GLU B 104 -0.58 -20.52 13.63
N ASP B 105 0.45 -20.87 14.40
CA ASP B 105 0.31 -21.76 15.55
C ASP B 105 0.07 -20.99 16.85
N THR B 106 0.14 -19.66 16.81
CA THR B 106 -0.34 -18.82 17.91
C THR B 106 -1.85 -18.62 17.82
N LEU B 107 -2.47 -18.27 18.93
CA LEU B 107 -3.92 -18.07 18.93
C LEU B 107 -4.34 -17.12 17.83
N LEU B 108 -3.76 -15.92 17.83
CA LEU B 108 -4.18 -14.90 16.89
C LEU B 108 -3.94 -15.30 15.42
N GLY B 109 -2.79 -15.89 15.12
CA GLY B 109 -2.51 -16.35 13.77
C GLY B 109 -3.46 -17.47 13.33
N TYR B 110 -3.80 -18.32 14.28
CA TYR B 110 -4.68 -19.46 14.03
C TYR B 110 -6.07 -18.96 13.73
N LEU B 111 -6.51 -17.94 14.46
CA LEU B 111 -7.83 -17.36 14.22
C LEU B 111 -7.97 -16.87 12.77
N ALA B 112 -6.93 -16.21 12.26
CA ALA B 112 -7.06 -15.42 11.03
C ALA B 112 -6.57 -16.13 9.79
N ASP B 113 -5.84 -17.24 9.96
CA ASP B 113 -5.21 -17.97 8.86
C ASP B 113 -6.20 -18.28 7.72
N ASP B 114 -5.86 -17.85 6.51
CA ASP B 114 -6.62 -18.11 5.28
C ASP B 114 -7.95 -17.37 5.20
N LEU B 115 -8.22 -16.47 6.13
CA LEU B 115 -9.46 -15.73 6.10
C LEU B 115 -9.30 -14.34 5.55
N THR B 116 -10.40 -13.78 5.04
CA THR B 116 -10.47 -12.38 4.61
C THR B 116 -11.63 -11.72 5.34
N TRP B 117 -11.49 -10.44 5.67
CA TRP B 117 -12.56 -9.70 6.33
C TRP B 117 -12.41 -8.21 6.05
N CYS B 118 -13.54 -7.51 5.96
CA CYS B 118 -13.57 -6.06 5.98
C CYS B 118 -14.97 -5.60 6.30
N GLY B 119 -15.08 -4.37 6.78
CA GLY B 119 -16.36 -3.74 7.05
C GLY B 119 -16.69 -2.71 6.00
N GLU B 120 -17.65 -1.84 6.33
CA GLU B 120 -18.16 -0.84 5.43
C GLU B 120 -18.19 0.46 6.20
N PHE B 121 -17.68 1.53 5.60
CA PHE B 121 -17.62 2.79 6.28
C PHE B 121 -18.98 3.24 6.81
N ASP B 122 -19.02 3.57 8.11
CA ASP B 122 -20.23 4.12 8.73
C ASP B 122 -21.46 3.18 8.63
N THR B 123 -21.24 1.87 8.55
CA THR B 123 -22.30 0.90 8.79
C THR B 123 -21.78 -0.18 9.73
N SER B 124 -22.70 -0.99 10.24
CA SER B 124 -22.31 -2.09 11.11
C SER B 124 -22.07 -3.39 10.32
N LYS B 125 -22.17 -3.34 9.00
CA LYS B 125 -22.18 -4.56 8.18
C LYS B 125 -20.78 -5.07 7.83
N ILE B 126 -20.65 -6.38 7.74
CA ILE B 126 -19.46 -7.02 7.17
C ILE B 126 -19.64 -7.10 5.66
N ASN B 127 -18.60 -6.78 4.90
CA ASN B 127 -18.69 -6.83 3.43
C ASN B 127 -18.29 -8.23 2.96
N TYR B 128 -19.29 -9.03 2.61
CA TYR B 128 -19.07 -10.37 2.11
C TYR B 128 -18.90 -10.42 0.57
N GLN B 129 -18.93 -9.27 -0.09
CA GLN B 129 -18.82 -9.25 -1.54
C GLN B 129 -17.40 -8.99 -2.01
N SER B 130 -16.73 -8.00 -1.43
CA SER B 130 -15.36 -7.68 -1.81
C SER B 130 -14.65 -6.91 -0.70
N CYS B 131 -13.32 -6.98 -0.70
CA CYS B 131 -12.48 -6.27 0.25
C CYS B 131 -11.26 -5.74 -0.46
N PRO B 132 -10.62 -4.72 0.13
CA PRO B 132 -9.52 -4.08 -0.61
C PRO B 132 -8.39 -5.04 -0.91
N ASP B 133 -7.89 -4.95 -2.13
CA ASP B 133 -6.68 -5.66 -2.51
C ASP B 133 -5.52 -4.76 -2.13
N TRP B 134 -4.52 -5.35 -1.50
CA TRP B 134 -3.35 -4.64 -1.05
C TRP B 134 -2.67 -3.82 -2.16
N ARG B 135 -2.53 -4.42 -3.34
CA ARG B 135 -1.86 -3.78 -4.46
C ARG B 135 -2.77 -2.80 -5.23
N LYS B 136 -3.98 -3.25 -5.55
CA LYS B 136 -4.87 -2.53 -6.46
C LYS B 136 -5.63 -1.40 -5.78
N ASP B 137 -5.99 -1.59 -4.52
CA ASP B 137 -6.86 -0.67 -3.81
C ASP B 137 -6.06 0.13 -2.78
N CYS B 138 -5.75 -0.48 -1.65
CA CYS B 138 -5.09 0.24 -0.57
C CYS B 138 -4.39 -0.71 0.39
N SER B 139 -3.26 -0.30 0.92
CA SER B 139 -2.47 -1.16 1.81
C SER B 139 -2.96 -1.18 3.27
N ASN B 140 -3.65 -0.14 3.73
CA ASN B 140 -4.07 -0.08 5.14
C ASN B 140 -5.48 -0.62 5.32
N ASN B 141 -5.66 -1.87 4.92
CA ASN B 141 -6.93 -2.55 4.92
C ASN B 141 -6.94 -3.54 6.11
N PRO B 142 -8.14 -4.01 6.54
CA PRO B 142 -8.24 -4.83 7.75
C PRO B 142 -7.33 -6.05 7.81
N VAL B 143 -7.20 -6.73 6.70
CA VAL B 143 -6.40 -7.96 6.68
C VAL B 143 -4.92 -7.63 6.73
N SER B 144 -4.48 -6.71 5.87
CA SER B 144 -3.04 -6.38 5.79
C SER B 144 -2.54 -5.76 7.09
N VAL B 145 -3.37 -4.91 7.72
CA VAL B 145 -2.92 -4.25 8.93
C VAL B 145 -2.86 -5.24 10.09
N PHE B 146 -3.79 -6.18 10.13
CA PHE B 146 -3.76 -7.24 11.13
C PHE B 146 -2.45 -8.00 11.05
N TRP B 147 -2.12 -8.50 9.86
CA TRP B 147 -0.93 -9.32 9.71
C TRP B 147 0.34 -8.54 9.99
N LYS B 148 0.39 -7.27 9.57
CA LYS B 148 1.54 -6.43 9.89
C LYS B 148 1.73 -6.28 11.41
N THR B 149 0.64 -6.03 12.13
CA THR B 149 0.70 -5.81 13.57
C THR B 149 1.12 -7.08 14.28
N VAL B 150 0.53 -8.22 13.92
CA VAL B 150 0.83 -9.47 14.61
C VAL B 150 2.20 -10.00 14.21
N SER B 151 2.57 -9.82 12.95
CA SER B 151 3.89 -10.27 12.49
C SER B 151 5.04 -9.50 13.15
N ARG B 152 4.84 -8.20 13.36
CA ARG B 152 5.83 -7.38 14.04
C ARG B 152 6.04 -7.85 15.50
N ARG B 153 4.96 -8.03 16.25
CA ARG B 153 5.04 -8.48 17.63
C ARG B 153 5.69 -9.86 17.76
N PHE B 154 5.39 -10.75 16.81
CA PHE B 154 5.93 -12.11 16.80
C PHE B 154 7.42 -12.03 16.55
N ALA B 155 7.82 -11.25 15.55
CA ALA B 155 9.25 -11.05 15.27
C ALA B 155 9.96 -10.41 16.46
N GLU B 156 9.28 -9.49 17.16
CA GLU B 156 9.88 -8.78 18.31
C GLU B 156 10.07 -9.69 19.52
N ALA B 157 9.25 -10.74 19.59
CA ALA B 157 9.31 -11.72 20.67
C ALA B 157 10.42 -12.76 20.50
N ALA B 158 10.86 -12.97 19.25
CA ALA B 158 11.83 -14.02 18.94
C ALA B 158 13.18 -13.87 19.65
N CYS B 159 13.78 -14.99 20.03
CA CYS B 159 15.12 -14.96 20.63
C CYS B 159 15.99 -16.10 20.13
N ASP B 160 17.26 -16.03 20.51
CA ASP B 160 18.23 -17.10 20.30
C ASP B 160 18.40 -17.40 18.80
N VAL B 161 18.13 -18.63 18.37
CA VAL B 161 18.20 -18.99 16.95
C VAL B 161 16.78 -19.00 16.38
N VAL B 162 16.55 -18.15 15.38
CA VAL B 162 15.27 -18.09 14.69
C VAL B 162 15.48 -18.75 13.34
N HIS B 163 14.55 -19.62 12.94
CA HIS B 163 14.66 -20.31 11.67
C HIS B 163 13.65 -19.73 10.67
N VAL B 164 14.01 -19.72 9.39
CA VAL B 164 13.07 -19.28 8.36
C VAL B 164 13.12 -20.23 7.18
N MET B 165 11.94 -20.73 6.79
CA MET B 165 11.80 -21.60 5.64
C MET B 165 11.48 -20.76 4.41
N LEU B 166 12.26 -20.94 3.35
CA LEU B 166 12.06 -20.20 2.12
C LEU B 166 11.84 -21.15 0.94
N ASP B 167 11.12 -20.66 -0.06
CA ASP B 167 10.79 -21.43 -1.22
C ASP B 167 11.82 -21.20 -2.32
N GLY B 168 12.67 -22.19 -2.53
CA GLY B 168 13.71 -22.12 -3.54
C GLY B 168 13.27 -22.18 -4.98
N SER B 169 11.98 -22.43 -5.22
CA SER B 169 11.48 -22.49 -6.61
C SER B 169 10.77 -21.18 -7.03
N ARG B 170 10.93 -20.13 -6.23
CA ARG B 170 10.45 -18.80 -6.61
C ARG B 170 11.54 -18.00 -7.31
N SER B 171 11.13 -17.07 -8.14
CA SER B 171 12.08 -16.19 -8.82
C SER B 171 12.89 -15.40 -7.78
N LYS B 172 12.20 -14.91 -6.75
CA LYS B 172 12.84 -14.20 -5.65
C LYS B 172 12.71 -15.03 -4.38
N ILE B 173 13.74 -15.80 -4.05
CA ILE B 173 13.69 -16.72 -2.90
C ILE B 173 13.56 -15.93 -1.60
N PHE B 174 14.32 -14.85 -1.49
CA PHE B 174 14.04 -13.83 -0.49
C PHE B 174 13.50 -12.62 -1.23
N ASP B 175 12.32 -12.18 -0.82
CA ASP B 175 11.62 -11.08 -1.45
C ASP B 175 11.35 -10.02 -0.39
N LYS B 176 11.88 -8.82 -0.60
CA LYS B 176 11.76 -7.75 0.38
C LYS B 176 10.32 -7.23 0.51
N ASP B 177 9.43 -7.60 -0.43
CA ASP B 177 8.04 -7.18 -0.42
C ASP B 177 7.09 -8.15 0.30
N SER B 178 7.60 -9.34 0.65
CA SER B 178 6.85 -10.29 1.47
C SER B 178 6.72 -9.77 2.89
N THR B 179 5.86 -10.38 3.68
CA THR B 179 5.73 -10.02 5.08
C THR B 179 6.99 -10.35 5.85
N PHE B 180 7.60 -11.50 5.55
CA PHE B 180 8.91 -11.83 6.14
C PHE B 180 9.96 -10.75 5.87
N GLY B 181 10.05 -10.33 4.61
CA GLY B 181 11.07 -9.36 4.18
C GLY B 181 10.84 -7.90 4.58
N SER B 182 9.58 -7.51 4.72
CA SER B 182 9.23 -6.10 4.97
C SER B 182 8.89 -5.78 6.42
N VAL B 183 8.47 -6.79 7.18
CA VAL B 183 8.02 -6.60 8.55
C VAL B 183 8.86 -7.41 9.54
N GLU B 184 9.05 -8.69 9.27
CA GLU B 184 9.59 -9.59 10.27
C GLU B 184 11.11 -9.47 10.42
N VAL B 185 11.83 -9.48 9.29
CA VAL B 185 13.28 -9.34 9.30
C VAL B 185 13.74 -8.10 10.06
N HIS B 186 13.07 -6.98 9.80
CA HIS B 186 13.49 -5.73 10.38
C HIS B 186 13.03 -5.56 11.83
N ASN B 187 12.30 -6.54 12.36
CA ASN B 187 11.91 -6.51 13.77
C ASN B 187 12.55 -7.58 14.66
N LEU B 188 13.46 -8.37 14.10
CA LEU B 188 14.32 -9.27 14.87
C LEU B 188 15.33 -8.43 15.66
N GLN B 189 15.31 -8.55 16.98
CA GLN B 189 16.12 -7.70 17.85
C GLN B 189 17.47 -8.32 18.17
N PRO B 190 18.59 -7.62 17.87
CA PRO B 190 19.93 -8.16 18.13
C PRO B 190 20.22 -8.46 19.61
N GLU B 191 19.48 -7.83 20.52
CA GLU B 191 19.67 -8.05 21.95
C GLU B 191 19.14 -9.42 22.37
N LYS B 192 18.27 -10.00 21.54
CA LYS B 192 17.59 -11.27 21.83
C LYS B 192 17.98 -12.35 20.84
N VAL B 193 18.01 -12.00 19.57
CA VAL B 193 18.25 -12.96 18.50
C VAL B 193 19.74 -13.05 18.22
N GLN B 194 20.29 -14.24 18.38
CA GLN B 194 21.70 -14.49 18.10
C GLN B 194 21.96 -14.78 16.61
N THR B 195 21.08 -15.58 16.02
CA THR B 195 21.27 -16.12 14.69
C THR B 195 19.94 -16.21 13.94
N LEU B 196 19.95 -15.91 12.65
CA LEU B 196 18.85 -16.27 11.77
C LEU B 196 19.35 -17.35 10.83
N GLU B 197 18.69 -18.51 10.87
CA GLU B 197 19.06 -19.62 10.00
C GLU B 197 17.98 -19.89 8.97
N ALA B 198 18.36 -19.84 7.71
CA ALA B 198 17.40 -20.04 6.62
C ALA B 198 17.48 -21.45 6.12
N TRP B 199 16.32 -22.06 5.89
CA TRP B 199 16.24 -23.35 5.22
C TRP B 199 15.63 -23.08 3.87
N VAL B 200 16.40 -23.28 2.82
CA VAL B 200 15.89 -23.03 1.48
C VAL B 200 15.42 -24.36 0.91
N ILE B 201 14.11 -24.45 0.68
CA ILE B 201 13.49 -25.69 0.24
C ILE B 201 13.50 -25.77 -1.28
N HIS B 202 14.15 -26.81 -1.80
CA HIS B 202 14.18 -27.06 -3.25
C HIS B 202 12.90 -27.77 -3.70
N GLY B 203 12.51 -27.56 -4.95
CA GLY B 203 11.34 -28.21 -5.53
C GLY B 203 11.73 -29.21 -6.60
N GLY B 204 10.87 -30.21 -6.82
CA GLY B 204 11.07 -31.20 -7.87
C GLY B 204 12.40 -31.93 -7.80
N ARG B 205 13.08 -32.03 -8.93
CA ARG B 205 14.38 -32.71 -9.03
C ARG B 205 15.52 -31.69 -9.10
N GLU B 206 15.22 -30.44 -8.76
CA GLU B 206 16.20 -29.37 -8.83
C GLU B 206 17.04 -29.38 -7.57
N ASP B 207 18.12 -30.14 -7.62
CA ASP B 207 19.02 -30.31 -6.48
C ASP B 207 20.48 -30.02 -6.83
N SER B 208 20.72 -29.35 -7.96
CA SER B 208 22.07 -29.22 -8.50
C SER B 208 22.79 -27.94 -8.07
N ARG B 209 22.05 -27.01 -7.46
CA ARG B 209 22.60 -25.70 -7.08
C ARG B 209 22.52 -25.45 -5.58
N ASP B 210 23.54 -24.76 -5.05
CA ASP B 210 23.55 -24.31 -3.66
C ASP B 210 22.81 -22.97 -3.64
N LEU B 211 21.56 -23.00 -3.21
CA LEU B 211 20.72 -21.80 -3.29
C LEU B 211 21.05 -20.76 -2.24
N CYS B 212 21.92 -21.12 -1.29
CA CYS B 212 22.43 -20.16 -0.34
C CYS B 212 23.39 -19.15 -1.00
N GLN B 213 23.78 -19.44 -2.25
CA GLN B 213 24.53 -18.49 -3.08
C GLN B 213 23.62 -17.64 -3.97
N ASP B 214 22.30 -17.82 -3.88
CA ASP B 214 21.39 -17.00 -4.68
C ASP B 214 21.56 -15.53 -4.29
N PRO B 215 21.50 -14.61 -5.28
CA PRO B 215 21.70 -13.20 -4.95
C PRO B 215 20.74 -12.67 -3.85
N THR B 216 19.48 -13.11 -3.87
CA THR B 216 18.51 -12.62 -2.88
C THR B 216 18.84 -13.14 -1.48
N ILE B 217 19.47 -14.31 -1.40
CA ILE B 217 19.95 -14.82 -0.13
C ILE B 217 21.13 -13.99 0.34
N LYS B 218 21.99 -13.59 -0.59
CA LYS B 218 23.09 -12.69 -0.24
C LYS B 218 22.52 -11.38 0.26
N GLU B 219 21.44 -10.93 -0.36
CA GLU B 219 20.73 -9.73 0.11
C GLU B 219 20.21 -9.90 1.54
N LEU B 220 19.56 -11.03 1.79
CA LEU B 220 19.07 -11.34 3.13
C LEU B 220 20.23 -11.32 4.12
N GLU B 221 21.32 -11.98 3.76
CA GLU B 221 22.52 -12.05 4.58
C GLU B 221 23.00 -10.67 4.99
N SER B 222 23.07 -9.77 4.00
CA SER B 222 23.53 -8.40 4.22
C SER B 222 22.61 -7.66 5.19
N ILE B 223 21.29 -7.79 5.00
CA ILE B 223 20.31 -7.14 5.86
C ILE B 223 20.45 -7.60 7.32
N ILE B 224 20.57 -8.91 7.51
CA ILE B 224 20.65 -9.48 8.87
C ILE B 224 21.96 -9.10 9.55
N SER B 225 23.05 -9.10 8.78
CA SER B 225 24.36 -8.65 9.27
C SER B 225 24.35 -7.20 9.75
N LYS B 226 23.63 -6.35 9.02
CA LYS B 226 23.48 -4.94 9.42
C LYS B 226 22.72 -4.73 10.73
N ARG B 227 21.94 -5.75 11.14
CA ARG B 227 21.25 -5.71 12.43
C ARG B 227 22.04 -6.44 13.53
N ASN B 228 23.32 -6.74 13.25
CA ASN B 228 24.21 -7.49 14.16
C ASN B 228 23.65 -8.87 14.56
N ILE B 229 23.09 -9.59 13.59
CA ILE B 229 22.60 -10.94 13.80
C ILE B 229 23.39 -11.87 12.87
N GLN B 230 23.78 -13.03 13.40
CA GLN B 230 24.54 -14.01 12.63
C GLN B 230 23.59 -14.59 11.60
N PHE B 231 24.10 -14.86 10.41
CA PHE B 231 23.30 -15.54 9.36
C PHE B 231 23.88 -16.91 9.04
N SER B 232 22.99 -17.84 8.77
CA SER B 232 23.35 -19.21 8.46
C SER B 232 22.31 -19.71 7.46
N CYS B 233 22.74 -20.54 6.52
CA CYS B 233 21.82 -21.00 5.49
C CYS B 233 22.07 -22.46 5.16
N LYS B 234 20.98 -23.20 5.01
CA LYS B 234 21.00 -24.62 4.69
C LYS B 234 20.06 -24.88 3.51
N ASN B 235 20.47 -25.82 2.65
CA ASN B 235 19.63 -26.29 1.54
C ASN B 235 18.87 -27.54 1.95
N ILE B 236 17.57 -27.57 1.71
CA ILE B 236 16.78 -28.79 1.86
C ILE B 236 16.45 -29.30 0.47
N TYR B 237 17.29 -30.22 -0.01
CA TYR B 237 17.17 -30.70 -1.38
C TYR B 237 15.98 -31.62 -1.56
N ARG B 238 15.66 -32.36 -0.50
CA ARG B 238 14.61 -33.36 -0.55
C ARG B 238 13.56 -33.08 0.52
N PRO B 239 12.60 -32.19 0.22
CA PRO B 239 11.58 -31.82 1.21
C PRO B 239 10.64 -32.99 1.58
N ASP B 240 10.44 -33.90 0.63
CA ASP B 240 9.67 -35.11 0.89
C ASP B 240 10.35 -35.97 1.98
N LYS B 241 11.63 -36.27 1.78
CA LYS B 241 12.40 -37.09 2.71
C LYS B 241 12.61 -36.36 4.03
N PHE B 242 12.88 -35.06 3.94
CA PHE B 242 13.04 -34.19 5.09
C PHE B 242 11.86 -34.35 6.05
N LEU B 243 10.66 -34.21 5.51
CA LEU B 243 9.44 -34.28 6.31
C LEU B 243 9.24 -35.69 6.89
N GLN B 244 9.62 -36.73 6.14
CA GLN B 244 9.56 -38.11 6.65
C GLN B 244 10.53 -38.31 7.82
N CYS B 245 11.72 -37.72 7.70
CA CYS B 245 12.71 -37.78 8.77
C CYS B 245 12.27 -37.01 10.01
N VAL B 246 11.58 -35.89 9.82
CA VAL B 246 11.02 -35.13 10.95
C VAL B 246 9.99 -35.97 11.72
N LYS B 247 9.18 -36.76 11.01
CA LYS B 247 8.18 -37.63 11.63
C LYS B 247 8.84 -38.81 12.35
N ASN B 248 9.64 -39.58 11.61
CA ASN B 248 10.40 -40.70 12.18
C ASN B 248 11.89 -40.43 12.08
N PRO B 249 12.46 -39.69 13.06
CA PRO B 249 13.90 -39.39 13.04
C PRO B 249 14.76 -40.59 13.41
N GLU B 250 14.12 -41.63 13.94
CA GLU B 250 14.78 -42.91 14.14
C GLU B 250 15.19 -43.58 12.83
N ASP B 251 14.53 -43.23 11.72
CA ASP B 251 14.90 -43.75 10.39
C ASP B 251 16.31 -43.30 10.05
N SER B 252 17.22 -44.27 9.92
CA SER B 252 18.64 -44.01 9.68
C SER B 252 18.97 -43.65 8.22
N SER B 253 17.94 -43.53 7.38
CA SER B 253 18.11 -43.02 6.01
C SER B 253 18.51 -41.53 6.05
N CYS B 254 17.59 -40.63 5.70
CA CYS B 254 17.80 -39.19 5.84
C CYS B 254 19.06 -38.67 5.12
#